data_8AK1
#
_entry.id   8AK1
#
_cell.length_a   32.441
_cell.length_b   79.673
_cell.length_c   90.056
_cell.angle_alpha   90.000
_cell.angle_beta   90.000
_cell.angle_gamma   90.000
#
_symmetry.space_group_name_H-M   'P 21 21 21'
#
loop_
_entity.id
_entity.type
_entity.pdbx_description
1 polymer 'Designed Ankyrin Repeat Protein K2'
2 polymer 'Cag pathogenicity island protein (Cag19)'
3 water water
#
loop_
_entity_poly.entity_id
_entity_poly.type
_entity_poly.pdbx_seq_one_letter_code
_entity_poly.pdbx_strand_id
1 'polypeptide(L)'
;MRGSHHHHHHHHGSDLGKKLLEAALIGQDDEVRILMANGADVNAMDNFGHTPLHLAAMMGHLEIVEVLLKTGADVNAFDL
TGFTPLHLAAYAGHLEIVEVLLKHGADVNAQDQDGATPFDLAAWFGNEDIAEVLQKAAKLNDYKDDDDK
;
A
2 'polypeptide(L)'
;MKCFLSIFSFLTFCGLSLNGTEVVITLEPALKAIQADAQAKQKTAQAELKAIEAQSSAKEKAIQAQIEGELRTQLATMSA
MLKGANGVINGVNGMTGGFFAGSDILLGVMEGYSSALSALGGNVKMIVEKQKINTQTEIQNMQIALQKNNEIIKLKMNQQ
NALLEALKNSFEPSVTLKTQMEMLSQALGSSSDNAQYIAYNTIGIKAFEETLKGFETWLKVAMQKATLIDYNSLTGQALF
QSAIYAPALSFFSSMGAPFGIIETFTLAPTKCPYLDGLKISACLMEQVIQNYRMIVALIQNKLSDADFQNIAYLNGINGE
IKTLKGSVDLNALIEVAILNAENHLNYIENLEKKADLWEEQLKLERETTARNIASSKVIVK
;
B
#
# COMPACT_ATOMS: atom_id res chain seq x y z
N ASP A 15 6.86 -20.42 -3.99
CA ASP A 15 6.68 -19.20 -3.19
C ASP A 15 5.42 -18.45 -3.63
N LEU A 16 4.28 -19.14 -3.61
CA LEU A 16 3.06 -18.57 -4.16
C LEU A 16 2.56 -17.38 -3.33
N GLY A 17 2.80 -17.40 -2.02
CA GLY A 17 2.33 -16.30 -1.19
C GLY A 17 2.99 -14.98 -1.54
N LYS A 18 4.31 -15.01 -1.71
CA LYS A 18 5.03 -13.81 -2.09
C LYS A 18 4.60 -13.34 -3.47
N LYS A 19 4.39 -14.29 -4.39
CA LYS A 19 3.91 -13.90 -5.72
C LYS A 19 2.55 -13.24 -5.65
N LEU A 20 1.65 -13.77 -4.82
CA LEU A 20 0.32 -13.20 -4.68
C LEU A 20 0.38 -11.80 -4.07
N LEU A 21 1.19 -11.62 -3.03
CA LEU A 21 1.37 -10.29 -2.44
C LEU A 21 1.87 -9.30 -3.49
N GLU A 22 2.79 -9.75 -4.33
CA GLU A 22 3.36 -8.88 -5.36
C GLU A 22 2.31 -8.54 -6.42
N ALA A 23 1.60 -9.55 -6.93
CA ALA A 23 0.60 -9.30 -7.96
C ALA A 23 -0.55 -8.46 -7.43
N ALA A 24 -0.93 -8.65 -6.16
CA ALA A 24 -2.02 -7.87 -5.60
C ALA A 24 -1.63 -6.41 -5.41
N LEU A 25 -0.36 -6.13 -5.15
CA LEU A 25 0.07 -4.74 -5.04
C LEU A 25 0.20 -4.11 -6.42
N ILE A 26 0.85 -4.81 -7.34
CA ILE A 26 1.08 -4.23 -8.66
C ILE A 26 -0.23 -4.04 -9.41
N GLY A 27 -1.20 -4.92 -9.19
CA GLY A 27 -2.43 -4.91 -9.96
C GLY A 27 -2.46 -5.86 -11.14
N GLN A 28 -1.85 -7.02 -11.03
CA GLN A 28 -1.84 -8.03 -12.10
C GLN A 28 -3.03 -8.97 -11.92
N ASP A 29 -4.20 -8.52 -12.41
CA ASP A 29 -5.44 -9.27 -12.26
C ASP A 29 -5.29 -10.72 -12.72
N ASP A 30 -4.80 -10.92 -13.95
CA ASP A 30 -4.67 -12.28 -14.48
C ASP A 30 -3.80 -13.13 -13.56
N GLU A 31 -2.67 -12.58 -13.10
CA GLU A 31 -1.77 -13.36 -12.26
C GLU A 31 -2.41 -13.69 -10.92
N VAL A 32 -3.17 -12.75 -10.33
CA VAL A 32 -3.86 -13.07 -9.08
C VAL A 32 -4.82 -14.25 -9.29
N ARG A 33 -5.58 -14.22 -10.39
CA ARG A 33 -6.53 -15.31 -10.64
C ARG A 33 -5.81 -16.63 -10.84
N ILE A 34 -4.72 -16.63 -11.61
CA ILE A 34 -3.92 -17.84 -11.79
C ILE A 34 -3.40 -18.36 -10.46
N LEU A 35 -2.88 -17.46 -9.62
CA LEU A 35 -2.31 -17.88 -8.35
C LEU A 35 -3.37 -18.51 -7.44
N MET A 36 -4.57 -17.91 -7.38
CA MET A 36 -5.61 -18.49 -6.53
C MET A 36 -6.03 -19.85 -7.06
N ALA A 37 -6.11 -19.99 -8.38
CA ALA A 37 -6.49 -21.30 -8.94
C ALA A 37 -5.41 -22.34 -8.70
N ASN A 38 -4.17 -21.93 -8.45
CA ASN A 38 -3.08 -22.87 -8.22
C ASN A 38 -2.73 -22.98 -6.74
N GLY A 39 -3.63 -22.53 -5.87
CA GLY A 39 -3.51 -22.81 -4.45
C GLY A 39 -2.79 -21.77 -3.61
N ALA A 40 -2.60 -20.56 -4.12
CA ALA A 40 -1.97 -19.52 -3.30
C ALA A 40 -2.78 -19.25 -2.04
N ASP A 41 -2.08 -18.94 -0.95
CA ASP A 41 -2.70 -18.65 0.33
C ASP A 41 -3.27 -17.23 0.31
N VAL A 42 -4.59 -17.12 0.37
CA VAL A 42 -5.22 -15.81 0.42
C VAL A 42 -4.82 -15.03 1.68
N ASN A 43 -4.29 -15.71 2.70
CA ASN A 43 -3.83 -15.08 3.93
C ASN A 43 -2.33 -14.79 3.96
N ALA A 44 -1.64 -14.93 2.81
CA ALA A 44 -0.20 -14.66 2.76
C ALA A 44 0.11 -13.31 3.36
N MET A 45 1.22 -13.22 4.09
CA MET A 45 1.53 -12.02 4.86
C MET A 45 2.90 -11.49 4.47
N ASP A 46 2.98 -10.18 4.14
CA ASP A 46 4.31 -9.61 3.92
C ASP A 46 4.95 -9.27 5.26
N ASN A 47 6.15 -8.70 5.22
CA ASN A 47 6.91 -8.47 6.45
C ASN A 47 6.34 -7.34 7.27
N PHE A 48 5.28 -6.70 6.80
CA PHE A 48 4.61 -5.63 7.51
C PHE A 48 3.24 -6.06 8.02
N GLY A 49 2.92 -7.34 7.91
CA GLY A 49 1.63 -7.84 8.32
C GLY A 49 0.51 -7.67 7.30
N HIS A 50 0.82 -7.17 6.10
CA HIS A 50 -0.23 -7.03 5.09
C HIS A 50 -0.62 -8.38 4.52
N THR A 51 -1.92 -8.58 4.33
CA THR A 51 -2.42 -9.61 3.42
C THR A 51 -2.54 -9.03 2.03
N PRO A 52 -2.74 -9.87 1.01
CA PRO A 52 -3.00 -9.33 -0.33
C PRO A 52 -4.16 -8.37 -0.35
N LEU A 53 -5.20 -8.61 0.46
CA LEU A 53 -6.34 -7.71 0.44
C LEU A 53 -5.95 -6.31 0.90
N HIS A 54 -5.10 -6.22 1.94
CA HIS A 54 -4.54 -4.93 2.34
C HIS A 54 -3.97 -4.18 1.14
N LEU A 55 -3.14 -4.87 0.35
CA LEU A 55 -2.39 -4.17 -0.70
C LEU A 55 -3.31 -3.77 -1.85
N ALA A 56 -4.19 -4.68 -2.27
CA ALA A 56 -5.14 -4.38 -3.35
C ALA A 56 -6.09 -3.26 -2.95
N ALA A 57 -6.55 -3.24 -1.69
CA ALA A 57 -7.47 -2.20 -1.25
C ALA A 57 -6.77 -0.86 -1.18
N MET A 58 -5.54 -0.84 -0.67
CA MET A 58 -4.76 0.40 -0.64
C MET A 58 -4.51 0.93 -2.05
N MET A 59 -4.30 0.04 -3.01
CA MET A 59 -3.97 0.44 -4.38
C MET A 59 -5.19 0.82 -5.21
N GLY A 60 -6.38 0.44 -4.74
CA GLY A 60 -7.60 0.66 -5.49
C GLY A 60 -7.88 -0.36 -6.56
N HIS A 61 -7.29 -1.56 -6.47
CA HIS A 61 -7.47 -2.63 -7.47
C HIS A 61 -8.80 -3.34 -7.20
N LEU A 62 -9.87 -2.85 -7.81
CA LEU A 62 -11.22 -3.32 -7.45
C LEU A 62 -11.42 -4.80 -7.78
N GLU A 63 -11.06 -5.21 -8.99
CA GLU A 63 -11.34 -6.60 -9.36
C GLU A 63 -10.51 -7.56 -8.51
N ILE A 64 -9.28 -7.18 -8.17
CA ILE A 64 -8.48 -8.04 -7.31
C ILE A 64 -9.08 -8.11 -5.91
N VAL A 65 -9.55 -6.97 -5.37
CA VAL A 65 -10.26 -7.00 -4.09
C VAL A 65 -11.44 -7.97 -4.16
N GLU A 66 -12.22 -7.92 -5.24
CA GLU A 66 -13.35 -8.84 -5.39
C GLU A 66 -12.89 -10.29 -5.43
N VAL A 67 -11.83 -10.59 -6.19
CA VAL A 67 -11.33 -11.96 -6.30
C VAL A 67 -10.87 -12.48 -4.94
N LEU A 68 -10.14 -11.64 -4.20
CA LEU A 68 -9.63 -12.05 -2.91
C LEU A 68 -10.75 -12.29 -1.91
N LEU A 69 -11.78 -11.44 -1.94
CA LEU A 69 -12.89 -11.66 -1.01
C LEU A 69 -13.65 -12.92 -1.38
N LYS A 70 -13.82 -13.19 -2.68
CA LYS A 70 -14.50 -14.41 -3.10
C LYS A 70 -13.74 -15.65 -2.68
N THR A 71 -12.40 -15.58 -2.62
CA THR A 71 -11.60 -16.75 -2.28
C THR A 71 -11.21 -16.79 -0.80
N GLY A 72 -11.92 -16.03 0.05
CA GLY A 72 -11.82 -16.23 1.49
C GLY A 72 -11.02 -15.22 2.29
N ALA A 73 -10.57 -14.13 1.69
CA ALA A 73 -9.79 -13.15 2.45
C ALA A 73 -10.59 -12.64 3.65
N ASP A 74 -9.91 -12.49 4.79
CA ASP A 74 -10.49 -11.82 5.95
C ASP A 74 -10.59 -10.34 5.66
N VAL A 75 -11.82 -9.83 5.57
CA VAL A 75 -12.03 -8.41 5.27
C VAL A 75 -11.50 -7.52 6.40
N ASN A 76 -11.31 -8.08 7.60
CA ASN A 76 -11.00 -7.29 8.79
C ASN A 76 -9.59 -7.58 9.33
N ALA A 77 -8.72 -8.15 8.51
CA ALA A 77 -7.36 -8.46 8.94
C ALA A 77 -6.61 -7.20 9.34
N PHE A 78 -5.79 -7.32 10.40
CA PHE A 78 -4.93 -6.23 10.85
C PHE A 78 -3.48 -6.48 10.46
N ASP A 79 -2.78 -5.43 9.98
CA ASP A 79 -1.36 -5.57 9.74
C ASP A 79 -0.61 -5.26 11.03
N LEU A 80 0.72 -5.30 10.99
CA LEU A 80 1.49 -5.15 12.22
C LEU A 80 1.38 -3.74 12.81
N THR A 81 0.98 -2.76 12.00
CA THR A 81 0.78 -1.39 12.46
C THR A 81 -0.67 -1.12 12.84
N GLY A 82 -1.51 -2.16 12.85
CA GLY A 82 -2.88 -2.02 13.31
C GLY A 82 -3.83 -1.49 12.27
N PHE A 83 -3.51 -1.57 10.99
CA PHE A 83 -4.41 -1.09 9.94
C PHE A 83 -5.12 -2.26 9.27
N THR A 84 -6.39 -2.07 8.98
CA THR A 84 -7.20 -3.01 8.22
C THR A 84 -7.25 -2.58 6.77
N PRO A 85 -7.76 -3.43 5.88
CA PRO A 85 -7.97 -2.97 4.49
C PRO A 85 -8.85 -1.73 4.41
N LEU A 86 -9.87 -1.63 5.27
CA LEU A 86 -10.72 -0.44 5.26
C LEU A 86 -9.94 0.82 5.62
N HIS A 87 -9.11 0.75 6.68
CA HIS A 87 -8.20 1.85 6.99
C HIS A 87 -7.44 2.30 5.73
N LEU A 88 -6.80 1.35 5.05
CA LEU A 88 -5.88 1.75 3.99
C LEU A 88 -6.62 2.34 2.79
N ALA A 89 -7.79 1.78 2.46
CA ALA A 89 -8.56 2.33 1.36
C ALA A 89 -9.12 3.71 1.71
N ALA A 90 -9.46 3.91 2.99
CA ALA A 90 -9.99 5.21 3.43
C ALA A 90 -8.89 6.26 3.46
N TYR A 91 -7.67 5.86 3.81
CA TYR A 91 -6.53 6.76 3.68
C TYR A 91 -6.24 7.09 2.21
N ALA A 92 -6.23 6.08 1.36
CA ALA A 92 -5.81 6.28 -0.02
C ALA A 92 -6.86 6.97 -0.88
N GLY A 93 -8.11 6.95 -0.46
CA GLY A 93 -9.16 7.67 -1.17
C GLY A 93 -9.94 6.87 -2.20
N HIS A 94 -10.03 5.55 -2.05
CA HIS A 94 -10.70 4.71 -3.04
C HIS A 94 -12.13 4.42 -2.56
N LEU A 95 -13.08 5.21 -3.06
CA LEU A 95 -14.45 5.14 -2.57
C LEU A 95 -15.09 3.80 -2.89
N GLU A 96 -14.96 3.36 -4.14
CA GLU A 96 -15.59 2.09 -4.54
C GLU A 96 -15.02 0.91 -3.76
N ILE A 97 -13.71 0.93 -3.46
CA ILE A 97 -13.14 -0.10 -2.59
C ILE A 97 -13.80 -0.07 -1.22
N VAL A 98 -13.91 1.12 -0.63
CA VAL A 98 -14.52 1.27 0.69
C VAL A 98 -15.92 0.69 0.69
N GLU A 99 -16.72 1.00 -0.34
CA GLU A 99 -18.08 0.48 -0.41
C GLU A 99 -18.09 -1.03 -0.49
N VAL A 100 -17.21 -1.63 -1.30
CA VAL A 100 -17.18 -3.08 -1.40
C VAL A 100 -16.75 -3.70 -0.07
N LEU A 101 -15.74 -3.12 0.59
CA LEU A 101 -15.31 -3.66 1.88
C LEU A 101 -16.44 -3.61 2.89
N LEU A 102 -17.14 -2.47 2.98
CA LEU A 102 -18.28 -2.34 3.88
C LEU A 102 -19.36 -3.37 3.57
N LYS A 103 -19.63 -3.60 2.28
CA LYS A 103 -20.63 -4.59 1.91
C LYS A 103 -20.24 -5.98 2.37
N HIS A 104 -18.93 -6.24 2.49
CA HIS A 104 -18.43 -7.53 2.93
C HIS A 104 -18.12 -7.57 4.43
N GLY A 105 -18.65 -6.62 5.20
CA GLY A 105 -18.56 -6.67 6.64
C GLY A 105 -17.35 -6.01 7.27
N ALA A 106 -16.63 -5.16 6.52
CA ALA A 106 -15.51 -4.43 7.12
C ALA A 106 -15.98 -3.64 8.33
N ASP A 107 -15.14 -3.61 9.37
CA ASP A 107 -15.48 -3.02 10.67
C ASP A 107 -15.16 -1.53 10.64
N VAL A 108 -16.21 -0.69 10.69
CA VAL A 108 -15.97 0.75 10.70
C VAL A 108 -15.34 1.23 12.00
N ASN A 109 -15.38 0.42 13.06
CA ASN A 109 -14.85 0.82 14.35
C ASN A 109 -13.48 0.21 14.63
N ALA A 110 -12.86 -0.41 13.63
CA ALA A 110 -11.51 -0.92 13.80
C ALA A 110 -10.56 0.22 14.11
N GLN A 111 -9.69 0.02 15.09
CA GLN A 111 -8.75 1.06 15.50
C GLN A 111 -7.32 0.56 15.36
N ASP A 112 -6.42 1.48 14.98
CA ASP A 112 -4.99 1.19 15.00
C ASP A 112 -4.49 1.28 16.44
N GLN A 113 -3.18 1.29 16.65
CA GLN A 113 -2.63 1.23 18.00
C GLN A 113 -2.77 2.54 18.76
N ASP A 114 -3.16 3.62 18.10
CA ASP A 114 -3.40 4.89 18.77
C ASP A 114 -4.85 5.36 18.60
N GLY A 115 -5.75 4.42 18.33
CA GLY A 115 -7.18 4.68 18.32
C GLY A 115 -7.75 5.22 17.03
N ALA A 116 -6.97 5.32 15.96
CA ALA A 116 -7.47 5.86 14.71
C ALA A 116 -8.34 4.86 13.98
N THR A 117 -9.53 5.29 13.58
CA THR A 117 -10.48 4.52 12.80
C THR A 117 -10.33 4.84 11.32
N PRO A 118 -10.99 4.06 10.45
CA PRO A 118 -11.01 4.44 9.03
C PRO A 118 -11.61 5.81 8.79
N PHE A 119 -12.66 6.17 9.53
CA PHE A 119 -13.19 7.53 9.41
C PHE A 119 -12.11 8.56 9.73
N ASP A 120 -11.34 8.34 10.81
CA ASP A 120 -10.29 9.29 11.16
C ASP A 120 -9.33 9.49 10.00
N LEU A 121 -8.89 8.41 9.36
CA LEU A 121 -7.94 8.54 8.26
C LEU A 121 -8.59 9.28 7.09
N ALA A 122 -9.84 8.94 6.76
CA ALA A 122 -10.51 9.61 5.64
C ALA A 122 -10.62 11.11 5.91
N ALA A 123 -10.95 11.48 7.15
CA ALA A 123 -11.06 12.89 7.53
C ALA A 123 -9.71 13.59 7.48
N TRP A 124 -8.67 12.98 8.05
CA TRP A 124 -7.37 13.64 8.11
C TRP A 124 -6.73 13.78 6.73
N PHE A 125 -7.01 12.86 5.81
CA PHE A 125 -6.38 12.89 4.51
C PHE A 125 -7.28 13.47 3.43
N GLY A 126 -8.42 14.03 3.81
CA GLY A 126 -9.24 14.82 2.91
C GLY A 126 -10.10 14.04 1.95
N ASN A 127 -10.38 12.77 2.27
CA ASN A 127 -11.26 11.96 1.43
C ASN A 127 -12.69 12.13 1.95
N GLU A 128 -13.32 13.24 1.54
CA GLU A 128 -14.58 13.65 2.15
C GLU A 128 -15.73 12.70 1.84
N ASP A 129 -15.80 12.22 0.59
CA ASP A 129 -16.86 11.28 0.22
C ASP A 129 -16.77 10.01 1.05
N ILE A 130 -15.56 9.49 1.24
CA ILE A 130 -15.38 8.30 2.06
C ILE A 130 -15.75 8.60 3.51
N ALA A 131 -15.30 9.75 4.04
CA ALA A 131 -15.65 10.11 5.41
C ALA A 131 -17.16 10.10 5.61
N GLU A 132 -17.90 10.63 4.63
CA GLU A 132 -19.35 10.68 4.73
C GLU A 132 -19.95 9.27 4.70
N VAL A 133 -19.46 8.41 3.81
CA VAL A 133 -19.94 7.03 3.77
C VAL A 133 -19.65 6.32 5.09
N LEU A 134 -18.44 6.51 5.63
CA LEU A 134 -18.10 5.85 6.89
C LEU A 134 -18.95 6.37 8.05
N GLN A 135 -19.22 7.68 8.09
CA GLN A 135 -20.06 8.22 9.14
C GLN A 135 -21.46 7.62 9.10
N LYS A 136 -22.06 7.58 7.91
CA LYS A 136 -23.39 6.99 7.78
C LYS A 136 -23.39 5.51 8.18
N ALA A 137 -22.33 4.79 7.83
CA ALA A 137 -22.24 3.37 8.18
C ALA A 137 -22.09 3.17 9.67
N ALA A 138 -21.56 4.15 10.39
CA ALA A 138 -21.37 4.04 11.83
C ALA A 138 -22.65 4.41 12.57
N ILE B 205 9.37 -8.87 -20.34
CA ILE B 205 9.53 -7.44 -20.10
C ILE B 205 8.16 -6.83 -19.80
N LYS B 206 7.11 -7.54 -20.22
CA LYS B 206 5.75 -7.11 -19.92
C LYS B 206 5.53 -7.02 -18.41
N ALA B 207 6.06 -7.98 -17.64
CA ALA B 207 5.93 -7.92 -16.19
C ALA B 207 6.63 -6.69 -15.62
N PHE B 208 7.78 -6.33 -16.17
CA PHE B 208 8.46 -5.12 -15.71
C PHE B 208 7.62 -3.88 -16.04
N GLU B 209 7.03 -3.82 -17.22
CA GLU B 209 6.16 -2.69 -17.56
C GLU B 209 4.99 -2.59 -16.57
N GLU B 210 4.38 -3.72 -16.24
CA GLU B 210 3.29 -3.72 -15.27
C GLU B 210 3.76 -3.20 -13.92
N THR B 211 4.98 -3.55 -13.52
CA THR B 211 5.53 -3.04 -12.27
C THR B 211 5.66 -1.51 -12.30
N LEU B 212 6.15 -0.96 -13.41
CA LEU B 212 6.22 0.50 -13.51
C LEU B 212 4.84 1.12 -13.39
N LYS B 213 3.83 0.52 -14.04
CA LYS B 213 2.49 1.08 -13.98
C LYS B 213 1.94 1.02 -12.56
N GLY B 214 2.15 -0.11 -11.88
CA GLY B 214 1.75 -0.19 -10.48
C GLY B 214 2.45 0.84 -9.62
N PHE B 215 3.77 0.99 -9.82
CA PHE B 215 4.51 1.97 -9.05
C PHE B 215 3.94 3.36 -9.27
N GLU B 216 3.72 3.74 -10.53
CA GLU B 216 3.22 5.09 -10.79
C GLU B 216 1.80 5.29 -10.27
N THR B 217 0.98 4.23 -10.31
CA THR B 217 -0.36 4.30 -9.72
C THR B 217 -0.28 4.56 -8.22
N TRP B 218 0.60 3.82 -7.54
CA TRP B 218 0.83 4.04 -6.11
C TRP B 218 1.41 5.43 -5.85
N LEU B 219 2.37 5.85 -6.68
CA LEU B 219 3.10 7.09 -6.44
C LEU B 219 2.16 8.28 -6.46
N LYS B 220 1.17 8.27 -7.35
CA LYS B 220 0.27 9.42 -7.48
C LYS B 220 -0.46 9.67 -6.16
N VAL B 221 -0.90 8.61 -5.48
CA VAL B 221 -1.56 8.77 -4.19
C VAL B 221 -0.56 9.13 -3.11
N ALA B 222 0.56 8.41 -3.05
CA ALA B 222 1.53 8.63 -1.98
C ALA B 222 2.10 10.05 -2.00
N MET B 223 2.37 10.59 -3.19
CA MET B 223 2.93 11.94 -3.28
C MET B 223 1.97 12.98 -2.71
N GLN B 224 0.65 12.80 -2.87
CA GLN B 224 -0.26 13.79 -2.29
C GLN B 224 -0.47 13.52 -0.81
N LYS B 225 -0.67 12.26 -0.42
CA LYS B 225 -1.03 12.00 0.97
C LYS B 225 0.15 12.13 1.93
N ALA B 226 1.38 11.90 1.45
CA ALA B 226 2.54 11.96 2.35
C ALA B 226 2.67 13.33 3.02
N THR B 227 2.31 14.40 2.31
CA THR B 227 2.42 15.74 2.87
C THR B 227 1.51 15.95 4.07
N LEU B 228 0.54 15.07 4.29
CA LEU B 228 -0.38 15.15 5.42
C LEU B 228 -0.02 14.20 6.54
N ILE B 229 1.00 13.36 6.35
CA ILE B 229 1.38 12.39 7.38
C ILE B 229 2.30 13.07 8.39
N ASP B 230 1.89 13.12 9.64
CA ASP B 230 2.75 13.63 10.70
C ASP B 230 3.65 12.49 11.12
N TYR B 231 4.90 12.51 10.66
CA TYR B 231 5.80 11.40 10.95
C TYR B 231 6.12 11.28 12.44
N ASN B 232 5.93 12.35 13.21
CA ASN B 232 6.21 12.27 14.65
C ASN B 232 5.06 11.68 15.46
N SER B 233 3.88 11.51 14.87
CA SER B 233 2.78 10.91 15.59
C SER B 233 2.83 9.38 15.49
N LEU B 234 2.16 8.72 16.44
CA LEU B 234 2.12 7.27 16.43
C LEU B 234 1.43 6.74 15.19
N THR B 235 0.24 7.26 14.88
CA THR B 235 -0.50 6.77 13.70
C THR B 235 0.21 7.18 12.41
N GLY B 236 0.79 8.38 12.37
CA GLY B 236 1.45 8.82 11.15
C GLY B 236 2.69 8.00 10.82
N GLN B 237 3.55 7.79 11.80
CA GLN B 237 4.73 6.96 11.56
C GLN B 237 4.32 5.56 11.10
N ALA B 238 3.30 4.98 11.75
CA ALA B 238 2.84 3.64 11.39
C ALA B 238 2.28 3.63 9.98
N LEU B 239 1.49 4.64 9.63
CA LEU B 239 0.92 4.70 8.29
C LEU B 239 2.00 4.90 7.23
N PHE B 240 3.03 5.69 7.55
CA PHE B 240 4.13 5.83 6.61
C PHE B 240 4.81 4.48 6.36
N GLN B 241 5.00 3.68 7.41
CA GLN B 241 5.58 2.36 7.25
C GLN B 241 4.67 1.47 6.41
N SER B 242 3.38 1.46 6.73
CA SER B 242 2.46 0.48 6.15
C SER B 242 2.16 0.81 4.69
N ALA B 243 1.94 2.09 4.38
CA ALA B 243 1.38 2.52 3.10
C ALA B 243 2.39 3.19 2.19
N ILE B 244 3.58 3.55 2.70
CA ILE B 244 4.55 4.19 1.82
C ILE B 244 5.82 3.36 1.75
N TYR B 245 6.44 3.10 2.90
CA TYR B 245 7.71 2.39 2.91
C TYR B 245 7.55 0.95 2.42
N ALA B 246 6.56 0.21 2.95
CA ALA B 246 6.40 -1.17 2.54
C ALA B 246 6.08 -1.35 1.07
N PRO B 247 5.13 -0.62 0.48
CA PRO B 247 4.89 -0.80 -0.96
C PRO B 247 6.09 -0.39 -1.78
N ALA B 248 6.77 0.70 -1.40
CA ALA B 248 7.97 1.11 -2.12
C ALA B 248 8.98 0.00 -2.18
N LEU B 249 9.24 -0.66 -1.04
CA LEU B 249 10.17 -1.78 -1.01
C LEU B 249 9.77 -2.87 -2.00
N SER B 250 8.48 -3.20 -2.02
CA SER B 250 8.01 -4.25 -2.91
C SER B 250 8.18 -3.85 -4.37
N PHE B 251 7.78 -2.62 -4.74
CA PHE B 251 7.96 -2.18 -6.12
C PHE B 251 9.44 -2.21 -6.51
N PHE B 252 10.30 -1.69 -5.64
CA PHE B 252 11.72 -1.61 -5.96
C PHE B 252 12.32 -3.00 -6.14
N SER B 253 11.89 -3.97 -5.31
CA SER B 253 12.36 -5.33 -5.48
C SER B 253 11.87 -5.91 -6.80
N SER B 254 10.61 -5.65 -7.15
CA SER B 254 10.06 -6.15 -8.41
C SER B 254 10.74 -5.49 -9.60
N MET B 255 11.11 -4.22 -9.50
CA MET B 255 11.85 -3.57 -10.59
C MET B 255 13.24 -4.17 -10.75
N GLY B 256 13.94 -4.40 -9.63
CA GLY B 256 15.31 -4.84 -9.73
C GLY B 256 15.48 -6.29 -10.14
N ALA B 257 14.48 -7.13 -9.85
CA ALA B 257 14.63 -8.57 -10.05
C ALA B 257 14.91 -8.99 -11.48
N PRO B 258 14.17 -8.54 -12.50
CA PRO B 258 14.49 -8.95 -13.88
C PRO B 258 15.88 -8.56 -14.33
N PHE B 259 16.55 -7.65 -13.63
CA PHE B 259 17.85 -7.14 -14.06
C PHE B 259 18.99 -7.50 -13.13
N GLY B 260 18.76 -8.42 -12.19
CA GLY B 260 19.79 -8.82 -11.26
C GLY B 260 20.19 -7.76 -10.27
N ILE B 261 19.37 -6.74 -10.09
CA ILE B 261 19.69 -5.63 -9.19
C ILE B 261 19.19 -5.97 -7.80
N ILE B 262 20.12 -6.10 -6.85
CA ILE B 262 19.82 -6.46 -5.48
C ILE B 262 20.26 -5.29 -4.62
N GLU B 263 19.33 -4.42 -4.27
CA GLU B 263 19.57 -3.30 -3.38
C GLU B 263 18.41 -3.23 -2.40
N THR B 264 18.68 -2.73 -1.21
CA THR B 264 17.63 -2.60 -0.20
C THR B 264 17.50 -1.12 0.16
N PHE B 265 16.37 -0.53 -0.23
CA PHE B 265 16.10 0.86 0.11
C PHE B 265 15.82 0.98 1.60
N THR B 266 16.51 1.91 2.26
CA THR B 266 16.23 2.22 3.65
C THR B 266 16.00 3.71 3.82
N LEU B 267 15.01 4.06 4.64
CA LEU B 267 14.77 5.46 4.96
C LEU B 267 15.96 6.03 5.71
N ALA B 268 16.24 7.32 5.48
CA ALA B 268 17.34 8.02 6.13
C ALA B 268 16.81 9.27 6.84
N PRO B 269 16.13 9.09 7.98
CA PRO B 269 15.57 10.25 8.69
C PRO B 269 16.62 11.26 9.16
N THR B 270 17.89 10.86 9.30
CA THR B 270 18.92 11.82 9.69
C THR B 270 19.10 12.91 8.65
N LYS B 271 18.70 12.65 7.40
CA LYS B 271 18.77 13.64 6.34
C LYS B 271 17.52 14.50 6.26
N CYS B 272 16.64 14.41 7.25
CA CYS B 272 15.41 15.21 7.33
C CYS B 272 15.34 15.92 8.68
N PRO B 273 16.17 16.96 8.88
CA PRO B 273 16.32 17.56 10.23
C PRO B 273 15.25 18.61 10.54
N TYR B 274 14.01 18.17 10.68
CA TYR B 274 12.88 19.06 10.89
C TYR B 274 12.13 18.68 12.17
N LEU B 275 11.69 19.68 12.91
CA LEU B 275 10.77 19.42 14.02
C LEU B 275 9.39 19.04 13.51
N ASP B 276 8.97 19.60 12.39
CA ASP B 276 7.62 19.39 11.86
C ASP B 276 7.54 18.00 11.21
N GLY B 277 6.70 17.14 11.77
CA GLY B 277 6.57 15.78 11.25
C GLY B 277 6.01 15.71 9.85
N LEU B 278 5.25 16.73 9.43
CA LEU B 278 4.79 16.77 8.04
C LEU B 278 5.98 16.98 7.09
N LYS B 279 6.94 17.81 7.51
CA LYS B 279 8.11 18.04 6.67
C LYS B 279 9.00 16.81 6.63
N ILE B 280 9.07 16.05 7.72
CA ILE B 280 9.82 14.80 7.70
C ILE B 280 9.22 13.85 6.67
N SER B 281 7.89 13.70 6.67
CA SER B 281 7.24 12.78 5.74
C SER B 281 7.50 13.18 4.29
N ALA B 282 7.39 14.48 4.00
CA ALA B 282 7.66 14.94 2.63
C ALA B 282 9.11 14.65 2.25
N CYS B 283 10.03 14.86 3.19
CA CYS B 283 11.44 14.62 2.93
C CYS B 283 11.74 13.14 2.73
N LEU B 284 11.12 12.28 3.54
CA LEU B 284 11.28 10.85 3.34
C LEU B 284 10.63 10.39 2.04
N MET B 285 9.49 10.98 1.67
CA MET B 285 8.87 10.64 0.41
C MET B 285 9.79 10.99 -0.76
N GLU B 286 10.51 12.12 -0.64
CA GLU B 286 11.47 12.48 -1.67
C GLU B 286 12.60 11.45 -1.76
N GLN B 287 13.01 10.87 -0.64
CA GLN B 287 14.01 9.80 -0.70
C GLN B 287 13.47 8.59 -1.44
N VAL B 288 12.18 8.31 -1.31
CA VAL B 288 11.56 7.22 -2.07
C VAL B 288 11.70 7.47 -3.56
N ILE B 289 11.30 8.66 -4.02
CA ILE B 289 11.37 8.98 -5.45
C ILE B 289 12.80 8.98 -5.94
N GLN B 290 13.73 9.48 -5.11
CA GLN B 290 15.14 9.46 -5.48
C GLN B 290 15.64 8.04 -5.66
N ASN B 291 15.20 7.12 -4.79
CA ASN B 291 15.62 5.74 -4.97
C ASN B 291 15.09 5.17 -6.28
N TYR B 292 13.84 5.48 -6.63
CA TYR B 292 13.34 5.12 -7.95
C TYR B 292 14.30 5.59 -9.05
N ARG B 293 14.69 6.86 -9.03
CA ARG B 293 15.60 7.39 -10.04
C ARG B 293 16.92 6.61 -10.08
N MET B 294 17.41 6.21 -8.91
CA MET B 294 18.68 5.47 -8.84
C MET B 294 18.55 4.08 -9.43
N ILE B 295 17.45 3.39 -9.13
CA ILE B 295 17.23 2.06 -9.71
C ILE B 295 17.05 2.17 -11.22
N VAL B 296 16.29 3.16 -11.69
CA VAL B 296 16.12 3.36 -13.13
C VAL B 296 17.47 3.55 -13.82
N ALA B 297 18.35 4.32 -13.20
CA ALA B 297 19.68 4.54 -13.79
C ALA B 297 20.46 3.23 -13.87
N LEU B 298 20.38 2.40 -12.82
CA LEU B 298 21.04 1.11 -12.87
C LEU B 298 20.45 0.23 -13.95
N ILE B 299 19.13 0.25 -14.09
CA ILE B 299 18.48 -0.58 -15.12
C ILE B 299 18.90 -0.11 -16.51
N GLN B 300 18.99 1.20 -16.70
CA GLN B 300 19.38 1.71 -18.02
C GLN B 300 20.83 1.33 -18.36
N ASN B 301 21.72 1.30 -17.37
CA ASN B 301 23.09 0.85 -17.62
C ASN B 301 23.11 -0.61 -18.04
N LYS B 302 22.30 -1.45 -17.38
CA LYS B 302 22.24 -2.86 -17.78
C LYS B 302 21.70 -2.99 -19.20
N LEU B 303 20.61 -2.27 -19.50
CA LEU B 303 20.01 -2.36 -20.83
C LEU B 303 20.95 -1.87 -21.93
N SER B 304 21.79 -0.87 -21.63
CA SER B 304 22.72 -0.36 -22.64
C SER B 304 24.16 -0.82 -22.37
#